data_8EGD
#
_entry.id   8EGD
#
_cell.length_a   111.960
_cell.length_b   111.960
_cell.length_c   137.180
_cell.angle_alpha   90.000
_cell.angle_beta   90.000
_cell.angle_gamma   120.000
#
_symmetry.space_group_name_H-M   'P 64 2 2'
#
loop_
_entity.id
_entity.type
_entity.pdbx_description
1 polymer '[3-methyl-2-oxobutanoate dehydrogenase [lipoamide]] kinase, mitochondrial'
2 non-polymer "ADENOSINE-5'-DIPHOSPHATE"
3 non-polymer 'MAGNESIUM ION'
4 non-polymer 'POTASSIUM ION'
5 non-polymer 'SULFATE ION'
6 non-polymer 5-(4-methoxyphenyl)-1H-tetrazole
7 water water
#
_entity_poly.entity_id   1
_entity_poly.type   'polypeptide(L)'
_entity_poly.pdbx_seq_one_letter_code
;STSATDTHHVELARERSKTVTSFYNQSAIDVVAEKPSVRLTPTMMLYSGRSQDGSHLLKSGRYLQQELPVRIAHRIKGFR
SLPFIIGCNPTILHVHELYIRAFQKLTDFPPIKDQADEAQYCQLVRQLLDDHKDVVTLLAEGLRESRKHIEDEKLVRYFL
DKTLTSRLGIRMLATHHLALHEDKPDFVGIICTRLSPKKIIEKWVDFARRLCEHKYGNAPRVRINGHVAARFPFIPMPLD
YILPELLKNAMRATMESHLDTPYNVPDVVITIANNDVDLIIRISDRGGGIAHKDLDRVMDYHFTTAEASTQDPRISPLFG
HLDMHSGGQSGPMHGFGFGLPTSRAYAEYLGGSLQLQSLQGIGTDVYLRLRHIDGREESFRIHHHHHH
;
_entity_poly.pdbx_strand_id   A
#
# COMPACT_ATOMS: atom_id res chain seq x y z
N ASN A 25 0.18 18.64 -20.19
CA ASN A 25 1.44 18.29 -20.83
C ASN A 25 2.36 19.50 -21.10
N GLN A 26 2.70 20.26 -20.04
CA GLN A 26 3.55 21.46 -20.09
C GLN A 26 5.07 21.11 -20.04
N SER A 27 5.94 22.07 -20.45
CA SER A 27 7.37 21.85 -20.45
C SER A 27 8.00 21.69 -19.06
N ALA A 28 7.39 22.24 -18.00
CA ALA A 28 7.93 22.09 -16.64
C ALA A 28 7.90 20.60 -16.21
N ILE A 29 6.83 19.87 -16.58
CA ILE A 29 6.71 18.43 -16.31
C ILE A 29 7.85 17.66 -17.04
N ASP A 30 8.12 18.03 -18.31
CA ASP A 30 9.16 17.43 -19.17
C ASP A 30 10.57 17.51 -18.59
N VAL A 31 10.90 18.62 -17.94
CA VAL A 31 12.19 18.88 -17.29
C VAL A 31 12.56 17.84 -16.19
N VAL A 32 11.58 17.41 -15.40
CA VAL A 32 11.85 16.47 -14.31
C VAL A 32 11.27 15.07 -14.48
N ALA A 33 10.57 14.80 -15.59
CA ALA A 33 9.94 13.50 -15.81
C ALA A 33 10.92 12.34 -15.88
N GLU A 34 12.14 12.57 -16.38
CA GLU A 34 13.15 11.50 -16.47
C GLU A 34 14.22 11.60 -15.36
N LYS A 35 14.16 12.65 -14.52
CA LYS A 35 15.10 12.89 -13.42
C LYS A 35 15.01 11.81 -12.37
N PRO A 36 16.15 11.13 -12.08
CA PRO A 36 16.12 10.07 -11.05
C PRO A 36 15.61 10.52 -9.69
N SER A 37 14.93 9.60 -8.99
CA SER A 37 14.43 9.89 -7.65
C SER A 37 15.60 9.89 -6.66
N VAL A 38 15.60 10.85 -5.71
CA VAL A 38 16.57 10.94 -4.63
C VAL A 38 15.87 10.23 -3.49
N ARG A 39 16.30 9.00 -3.23
CA ARG A 39 15.66 8.11 -2.29
C ARG A 39 16.27 8.15 -0.91
N LEU A 40 15.40 8.25 0.11
CA LEU A 40 15.81 8.24 1.51
C LEU A 40 15.27 6.99 2.17
N THR A 41 16.09 6.32 2.98
CA THR A 41 15.72 5.11 3.71
C THR A 41 15.04 5.50 5.05
N PRO A 42 14.11 4.69 5.60
CA PRO A 42 13.49 5.05 6.88
C PRO A 42 14.48 5.32 8.01
N THR A 43 15.69 4.71 7.93
CA THR A 43 16.77 4.93 8.88
C THR A 43 17.20 6.39 8.84
N MET A 44 17.38 6.95 7.62
CA MET A 44 17.76 8.36 7.45
C MET A 44 16.74 9.29 8.08
N MET A 45 15.46 8.98 7.92
CA MET A 45 14.35 9.76 8.46
C MET A 45 14.29 9.67 10.02
N LEU A 46 14.59 8.46 10.57
CA LEU A 46 14.61 8.17 12.01
C LEU A 46 15.71 8.94 12.72
N TYR A 47 16.87 9.10 12.07
CA TYR A 47 18.00 9.86 12.60
C TYR A 47 17.66 11.36 12.65
N SER A 48 16.93 11.85 11.65
CA SER A 48 16.48 13.24 11.59
C SER A 48 15.35 13.51 12.61
N GLY A 49 14.53 12.48 12.86
CA GLY A 49 13.43 12.52 13.81
C GLY A 49 13.87 12.39 15.26
N ARG A 50 15.16 12.65 15.54
CA ARG A 50 15.70 12.63 16.91
C ARG A 50 15.40 13.96 17.60
N SER A 55 15.10 22.88 12.65
CA SER A 55 16.43 22.72 12.06
C SER A 55 16.45 21.42 11.28
N HIS A 56 15.96 20.33 11.91
CA HIS A 56 15.82 19.04 11.22
C HIS A 56 14.49 18.96 10.47
N LEU A 57 13.47 19.74 10.89
CA LEU A 57 12.20 19.84 10.19
C LEU A 57 12.41 20.67 8.90
N LEU A 58 13.33 21.65 8.90
CA LEU A 58 13.58 22.45 7.72
C LEU A 58 14.28 21.63 6.64
N LYS A 59 15.28 20.84 7.02
CA LYS A 59 15.98 19.98 6.05
C LYS A 59 15.01 18.96 5.44
N SER A 60 14.06 18.47 6.25
CA SER A 60 13.02 17.51 5.87
C SER A 60 11.99 18.14 4.93
N GLY A 61 11.55 19.34 5.27
CA GLY A 61 10.59 20.09 4.47
C GLY A 61 11.17 20.49 3.14
N ARG A 62 12.46 20.80 3.11
CA ARG A 62 13.18 21.17 1.89
C ARG A 62 13.21 19.99 0.95
N TYR A 63 13.47 18.77 1.49
CA TYR A 63 13.49 17.53 0.73
C TYR A 63 12.15 17.29 0.06
N LEU A 64 11.05 17.37 0.80
CA LEU A 64 9.71 17.14 0.24
C LEU A 64 9.40 18.11 -0.88
N GLN A 65 9.70 19.40 -0.67
CA GLN A 65 9.41 20.44 -1.64
C GLN A 65 10.08 20.20 -3.00
N GLN A 66 11.32 19.71 -2.99
CA GLN A 66 12.11 19.40 -4.17
C GLN A 66 11.88 18.01 -4.73
N GLU A 67 11.48 17.06 -3.89
CA GLU A 67 11.32 15.68 -4.33
C GLU A 67 9.90 15.31 -4.78
N LEU A 68 8.86 15.80 -4.08
CA LEU A 68 7.47 15.47 -4.47
C LEU A 68 7.12 15.84 -5.92
N PRO A 69 7.48 17.03 -6.47
CA PRO A 69 7.16 17.31 -7.88
C PRO A 69 7.76 16.28 -8.83
N VAL A 70 8.95 15.76 -8.52
CA VAL A 70 9.61 14.73 -9.33
C VAL A 70 8.80 13.43 -9.31
N ARG A 71 8.32 13.00 -8.12
CA ARG A 71 7.50 11.80 -7.99
C ARG A 71 6.18 11.97 -8.76
N ILE A 72 5.56 13.15 -8.68
CA ILE A 72 4.30 13.42 -9.39
C ILE A 72 4.53 13.42 -10.93
N ALA A 73 5.66 13.98 -11.39
CA ALA A 73 6.06 13.99 -12.79
C ALA A 73 6.28 12.57 -13.33
N HIS A 74 6.79 11.64 -12.48
CA HIS A 74 6.99 10.23 -12.86
C HIS A 74 5.64 9.54 -13.05
N ARG A 75 4.60 9.93 -12.29
CA ARG A 75 3.24 9.40 -12.43
C ARG A 75 2.65 9.93 -13.71
N ILE A 76 2.85 11.24 -14.03
CA ILE A 76 2.32 11.85 -15.25
C ILE A 76 2.92 11.18 -16.47
N LYS A 77 4.23 10.92 -16.42
CA LYS A 77 4.94 10.19 -17.48
C LYS A 77 4.31 8.78 -17.72
N GLY A 78 3.86 8.14 -16.67
CA GLY A 78 3.19 6.85 -16.74
C GLY A 78 1.87 6.91 -17.49
N PHE A 79 1.07 7.97 -17.22
CA PHE A 79 -0.18 8.23 -17.90
C PHE A 79 0.08 8.61 -19.36
N ARG A 80 1.14 9.37 -19.64
CA ARG A 80 1.52 9.76 -21.01
C ARG A 80 1.92 8.54 -21.85
N SER A 81 2.50 7.52 -21.19
CA SER A 81 2.96 6.30 -21.83
C SER A 81 1.87 5.24 -21.98
N LEU A 82 0.68 5.41 -21.37
CA LEU A 82 -0.42 4.43 -21.49
C LEU A 82 -0.83 4.33 -22.96
N PRO A 83 -1.31 3.17 -23.46
CA PRO A 83 -1.80 3.12 -24.86
C PRO A 83 -2.90 4.18 -25.07
N PHE A 84 -2.87 4.90 -26.21
CA PHE A 84 -3.85 5.96 -26.51
C PHE A 84 -5.31 5.62 -26.15
N ILE A 85 -5.81 4.43 -26.55
CA ILE A 85 -7.19 4.03 -26.31
C ILE A 85 -7.49 3.94 -24.81
N ILE A 86 -6.50 3.58 -23.99
CA ILE A 86 -6.68 3.52 -22.55
C ILE A 86 -6.59 4.96 -21.95
N GLY A 87 -5.55 5.71 -22.32
CA GLY A 87 -5.39 7.08 -21.85
C GLY A 87 -6.54 8.01 -22.17
N CYS A 88 -7.34 7.68 -23.20
CA CYS A 88 -8.52 8.44 -23.61
C CYS A 88 -9.74 8.26 -22.73
N ASN A 89 -9.77 7.21 -21.90
CA ASN A 89 -10.92 6.97 -21.02
C ASN A 89 -11.11 8.18 -20.09
N PRO A 90 -12.25 8.88 -20.15
CA PRO A 90 -12.40 10.12 -19.36
C PRO A 90 -12.12 9.97 -17.86
N THR A 91 -12.23 8.75 -17.32
CA THR A 91 -11.92 8.48 -15.92
C THR A 91 -10.40 8.40 -15.72
N ILE A 92 -9.69 7.76 -16.67
CA ILE A 92 -8.21 7.68 -16.66
C ILE A 92 -7.66 9.09 -16.87
N LEU A 93 -8.26 9.84 -17.83
CA LEU A 93 -7.91 11.22 -18.18
C LEU A 93 -8.06 12.13 -16.97
N HIS A 94 -9.09 11.92 -16.18
CA HIS A 94 -9.37 12.71 -14.98
C HIS A 94 -8.26 12.52 -13.92
N VAL A 95 -7.79 11.28 -13.69
CA VAL A 95 -6.71 11.00 -12.75
C VAL A 95 -5.40 11.64 -13.28
N HIS A 96 -5.17 11.56 -14.60
CA HIS A 96 -4.03 12.19 -15.28
C HIS A 96 -4.09 13.71 -15.02
N GLU A 97 -5.26 14.33 -15.21
CA GLU A 97 -5.47 15.76 -15.00
C GLU A 97 -5.33 16.16 -13.53
N LEU A 98 -5.70 15.27 -12.62
CA LEU A 98 -5.56 15.50 -11.18
C LEU A 98 -4.06 15.57 -10.85
N TYR A 99 -3.25 14.64 -11.42
CA TYR A 99 -1.80 14.68 -11.20
C TYR A 99 -1.14 15.90 -11.81
N ILE A 100 -1.66 16.42 -12.93
CA ILE A 100 -1.12 17.64 -13.54
C ILE A 100 -1.41 18.84 -12.61
N ARG A 101 -2.63 18.90 -12.04
CA ARG A 101 -3.05 19.92 -11.09
C ARG A 101 -2.16 19.90 -9.83
N ALA A 102 -1.82 18.69 -9.34
CA ALA A 102 -0.96 18.53 -8.18
C ALA A 102 0.49 18.97 -8.50
N PHE A 103 1.00 18.68 -9.72
CA PHE A 103 2.34 19.14 -10.10
C PHE A 103 2.35 20.69 -10.15
N GLN A 104 1.29 21.30 -10.70
CA GLN A 104 1.20 22.76 -10.77
C GLN A 104 1.24 23.38 -9.37
N LYS A 105 0.50 22.81 -8.42
CA LYS A 105 0.48 23.31 -7.05
C LYS A 105 1.82 23.13 -6.35
N LEU A 106 2.44 21.96 -6.51
CA LEU A 106 3.74 21.71 -5.89
C LEU A 106 4.87 22.61 -6.41
N THR A 107 4.84 22.99 -7.69
CA THR A 107 5.89 23.83 -8.26
C THR A 107 5.59 25.32 -8.13
N ASP A 108 4.30 25.70 -8.20
CA ASP A 108 3.93 27.11 -8.10
C ASP A 108 3.98 27.67 -6.67
N PHE A 109 4.19 26.80 -5.67
CA PHE A 109 4.31 27.18 -4.27
C PHE A 109 5.74 27.69 -4.04
N PRO A 110 5.89 28.84 -3.33
CA PRO A 110 7.23 29.43 -3.12
C PRO A 110 8.20 28.59 -2.29
N PRO A 111 9.52 28.76 -2.44
CA PRO A 111 10.47 27.95 -1.65
C PRO A 111 10.44 28.19 -0.14
N ILE A 112 10.95 27.21 0.65
CA ILE A 112 10.94 27.24 2.11
C ILE A 112 12.23 27.82 2.71
N LYS A 113 12.09 28.94 3.40
CA LYS A 113 13.24 29.59 4.06
C LYS A 113 13.08 29.56 5.58
N ASP A 114 12.05 30.24 6.12
CA ASP A 114 11.81 30.23 7.57
C ASP A 114 10.92 29.05 8.00
N GLN A 115 10.63 28.90 9.31
CA GLN A 115 9.80 27.79 9.79
C GLN A 115 8.32 27.96 9.43
N ALA A 116 7.85 29.20 9.26
CA ALA A 116 6.49 29.52 8.85
C ALA A 116 6.28 29.16 7.37
N ASP A 117 7.37 29.11 6.57
CA ASP A 117 7.33 28.68 5.18
C ASP A 117 7.15 27.17 5.16
N GLU A 118 7.91 26.45 6.02
CA GLU A 118 7.81 25.00 6.20
C GLU A 118 6.41 24.60 6.66
N ALA A 119 5.76 25.46 7.44
CA ALA A 119 4.42 25.24 7.97
C ALA A 119 3.33 25.57 6.96
N GLN A 120 3.58 26.53 6.06
CA GLN A 120 2.63 26.85 4.99
C GLN A 120 2.52 25.69 3.99
N TYR A 121 3.65 25.00 3.75
CA TYR A 121 3.77 23.86 2.86
C TYR A 121 2.98 22.67 3.43
N CYS A 122 3.02 22.45 4.76
CA CYS A 122 2.28 21.37 5.43
C CYS A 122 0.79 21.42 5.10
N GLN A 123 0.22 22.63 4.97
CA GLN A 123 -1.20 22.80 4.67
C GLN A 123 -1.53 22.42 3.23
N LEU A 124 -0.59 22.68 2.30
CA LEU A 124 -0.79 22.33 0.90
C LEU A 124 -0.76 20.79 0.80
N VAL A 125 0.22 20.17 1.48
CA VAL A 125 0.39 18.73 1.59
C VAL A 125 -0.89 18.07 2.13
N ARG A 126 -1.51 18.67 3.19
CA ARG A 126 -2.76 18.16 3.78
CA ARG A 126 -2.74 18.11 3.77
C ARG A 126 -3.88 18.14 2.72
N GLN A 127 -4.01 19.25 1.98
CA GLN A 127 -5.03 19.41 0.94
C GLN A 127 -4.86 18.43 -0.21
N LEU A 128 -3.61 18.26 -0.73
CA LEU A 128 -3.35 17.30 -1.82
C LEU A 128 -3.57 15.86 -1.36
N LEU A 129 -3.23 15.54 -0.09
CA LEU A 129 -3.47 14.20 0.47
C LEU A 129 -4.96 13.84 0.39
N ASP A 130 -5.84 14.82 0.66
CA ASP A 130 -7.28 14.59 0.60
C ASP A 130 -7.88 14.60 -0.82
N ASP A 131 -7.40 15.49 -1.70
CA ASP A 131 -7.92 15.56 -3.07
C ASP A 131 -7.68 14.28 -3.87
N HIS A 132 -6.62 13.52 -3.52
CA HIS A 132 -6.28 12.30 -4.22
C HIS A 132 -6.67 11.03 -3.45
N LYS A 133 -7.53 11.13 -2.42
CA LYS A 133 -7.90 9.97 -1.62
C LYS A 133 -8.56 8.81 -2.40
N ASP A 134 -9.28 9.11 -3.50
CA ASP A 134 -9.99 8.10 -4.28
C ASP A 134 -9.36 7.71 -5.61
N VAL A 135 -8.07 8.05 -5.83
CA VAL A 135 -7.32 7.75 -7.07
C VAL A 135 -7.42 6.26 -7.46
N VAL A 136 -7.15 5.36 -6.51
CA VAL A 136 -7.23 3.92 -6.78
C VAL A 136 -8.62 3.49 -7.26
N THR A 137 -9.69 4.07 -6.69
CA THR A 137 -11.07 3.75 -7.07
C THR A 137 -11.33 4.20 -8.50
N LEU A 138 -10.95 5.44 -8.83
CA LEU A 138 -11.08 5.97 -10.18
C LEU A 138 -10.28 5.14 -11.17
N LEU A 139 -9.06 4.73 -10.81
CA LEU A 139 -8.20 3.92 -11.67
C LEU A 139 -8.83 2.54 -11.90
N ALA A 140 -9.45 1.95 -10.87
CA ALA A 140 -10.10 0.66 -11.01
C ALA A 140 -11.28 0.76 -11.99
N GLU A 141 -12.03 1.86 -11.90
CA GLU A 141 -13.17 2.17 -12.75
C GLU A 141 -12.73 2.37 -14.19
N GLY A 142 -11.63 3.11 -14.39
CA GLY A 142 -11.04 3.32 -15.71
C GLY A 142 -10.56 2.02 -16.32
N LEU A 143 -9.89 1.17 -15.52
CA LEU A 143 -9.43 -0.15 -15.97
C LEU A 143 -10.63 -1.00 -16.41
N ARG A 144 -11.69 -1.04 -15.58
CA ARG A 144 -12.92 -1.77 -15.85
C ARG A 144 -13.59 -1.30 -17.16
N GLU A 145 -13.73 0.02 -17.36
CA GLU A 145 -14.34 0.53 -18.59
C GLU A 145 -13.55 0.19 -19.87
N SER A 146 -12.26 -0.16 -19.73
CA SER A 146 -11.35 -0.45 -20.83
C SER A 146 -11.01 -1.94 -20.99
N ARG A 147 -11.74 -2.84 -20.32
CA ARG A 147 -11.46 -4.28 -20.35
C ARG A 147 -11.39 -4.87 -21.77
N LYS A 148 -12.25 -4.41 -22.69
CA LYS A 148 -12.25 -4.91 -24.07
C LYS A 148 -11.02 -4.49 -24.89
N HIS A 149 -10.32 -3.43 -24.45
CA HIS A 149 -9.14 -2.95 -25.18
C HIS A 149 -7.82 -3.28 -24.48
N ILE A 150 -7.79 -4.30 -23.62
CA ILE A 150 -6.54 -4.64 -22.92
C ILE A 150 -5.64 -5.64 -23.72
N GLU A 151 -5.97 -6.96 -23.78
CA GLU A 151 -5.23 -8.05 -24.43
C GLU A 151 -3.94 -8.45 -23.66
N ASP A 152 -3.26 -7.50 -22.96
CA ASP A 152 -2.07 -7.85 -22.17
C ASP A 152 -2.21 -7.45 -20.70
N GLU A 153 -2.52 -8.44 -19.86
CA GLU A 153 -2.68 -8.25 -18.43
C GLU A 153 -1.31 -8.03 -17.72
N LYS A 154 -0.21 -8.45 -18.34
CA LYS A 154 1.12 -8.21 -17.79
C LYS A 154 1.45 -6.70 -17.86
N LEU A 155 0.97 -6.00 -18.91
CA LEU A 155 1.22 -4.56 -19.05
C LEU A 155 0.36 -3.73 -18.09
N VAL A 156 -0.87 -4.21 -17.80
CA VAL A 156 -1.78 -3.61 -16.82
C VAL A 156 -1.11 -3.71 -15.44
N ARG A 157 -0.56 -4.90 -15.13
CA ARG A 157 0.15 -5.20 -13.91
C ARG A 157 1.33 -4.25 -13.70
N TYR A 158 2.19 -4.03 -14.72
CA TYR A 158 3.32 -3.12 -14.54
C TYR A 158 2.86 -1.68 -14.29
N PHE A 159 1.85 -1.20 -15.01
CA PHE A 159 1.36 0.15 -14.81
C PHE A 159 0.80 0.33 -13.39
N LEU A 160 -0.12 -0.58 -12.96
CA LEU A 160 -0.75 -0.45 -11.67
C LEU A 160 0.21 -0.69 -10.53
N ASP A 161 1.11 -1.67 -10.64
CA ASP A 161 2.11 -1.93 -9.58
C ASP A 161 2.97 -0.69 -9.35
N LYS A 162 3.39 -0.06 -10.45
CA LYS A 162 4.23 1.12 -10.36
C LYS A 162 3.46 2.35 -9.86
N THR A 163 2.25 2.57 -10.37
CA THR A 163 1.41 3.70 -9.99
C THR A 163 0.97 3.66 -8.53
N LEU A 164 0.46 2.51 -8.08
CA LEU A 164 -0.01 2.39 -6.72
C LEU A 164 1.09 2.38 -5.67
N THR A 165 2.27 1.84 -5.98
CA THR A 165 3.38 1.82 -5.02
C THR A 165 4.09 3.14 -4.97
N SER A 166 4.20 3.85 -6.11
CA SER A 166 4.78 5.19 -6.11
C SER A 166 3.85 6.14 -5.35
N ARG A 167 2.53 5.92 -5.48
CA ARG A 167 1.50 6.65 -4.76
C ARG A 167 1.65 6.37 -3.27
N LEU A 168 1.90 5.08 -2.88
CA LEU A 168 2.13 4.69 -1.49
C LEU A 168 3.34 5.46 -0.94
N GLY A 169 4.42 5.52 -1.70
CA GLY A 169 5.64 6.23 -1.33
C GLY A 169 5.42 7.71 -1.12
N ILE A 170 4.66 8.37 -2.01
CA ILE A 170 4.34 9.80 -1.90
C ILE A 170 3.51 10.04 -0.62
N ARG A 171 2.48 9.22 -0.39
CA ARG A 171 1.66 9.35 0.80
C ARG A 171 2.44 9.09 2.08
N MET A 172 3.38 8.15 2.08
CA MET A 172 4.19 7.85 3.26
C MET A 172 5.10 9.01 3.58
N LEU A 173 5.73 9.63 2.57
CA LEU A 173 6.63 10.77 2.80
C LEU A 173 5.86 11.99 3.30
N ALA A 174 4.68 12.22 2.70
CA ALA A 174 3.84 13.36 3.04
C ALA A 174 3.24 13.22 4.42
N THR A 175 2.76 12.02 4.78
CA THR A 175 2.17 11.77 6.08
C THR A 175 3.24 11.82 7.16
N HIS A 176 4.43 11.27 6.90
CA HIS A 176 5.52 11.28 7.87
C HIS A 176 5.91 12.68 8.26
N HIS A 177 6.00 13.58 7.27
CA HIS A 177 6.36 14.96 7.52
C HIS A 177 5.33 15.67 8.37
N LEU A 178 4.03 15.45 8.13
CA LEU A 178 2.98 16.06 8.93
C LEU A 178 3.05 15.58 10.37
N ALA A 179 3.28 14.28 10.54
CA ALA A 179 3.33 13.62 11.84
C ALA A 179 4.60 13.94 12.65
N LEU A 180 5.65 14.48 12.00
CA LEU A 180 6.87 14.90 12.72
C LEU A 180 6.62 16.12 13.61
N HIS A 181 5.60 16.92 13.28
CA HIS A 181 5.24 18.08 14.07
C HIS A 181 4.66 17.66 15.43
N GLU A 182 4.06 16.46 15.51
CA GLU A 182 3.49 15.91 16.73
C GLU A 182 4.52 15.11 17.56
N ASP A 183 4.24 14.96 18.86
CA ASP A 183 5.05 14.25 19.84
C ASP A 183 4.19 13.07 20.32
N LYS A 184 3.90 12.14 19.42
CA LYS A 184 3.07 10.98 19.73
C LYS A 184 3.87 9.80 20.29
N PRO A 185 3.45 9.27 21.46
CA PRO A 185 4.18 8.14 22.07
C PRO A 185 4.46 6.94 21.16
N ASP A 186 5.74 6.51 21.15
CA ASP A 186 6.25 5.41 20.34
C ASP A 186 6.21 5.65 18.84
N PHE A 187 6.18 6.92 18.42
CA PHE A 187 6.16 7.26 17.01
C PHE A 187 7.13 8.41 16.74
N VAL A 188 7.80 8.32 15.60
CA VAL A 188 8.71 9.35 15.07
C VAL A 188 8.11 9.54 13.70
N GLY A 189 7.17 10.49 13.60
CA GLY A 189 6.37 10.68 12.41
C GLY A 189 5.43 9.50 12.29
N ILE A 190 5.54 8.74 11.19
CA ILE A 190 4.75 7.53 11.01
C ILE A 190 5.55 6.25 11.29
N ILE A 191 6.76 6.37 11.86
CA ILE A 191 7.57 5.22 12.21
C ILE A 191 7.30 4.85 13.64
N CYS A 192 6.74 3.67 13.85
CA CYS A 192 6.51 3.17 15.19
C CYS A 192 7.83 2.59 15.67
N THR A 193 8.37 3.10 16.77
CA THR A 193 9.65 2.63 17.30
C THR A 193 9.58 1.26 18.00
N ARG A 194 8.38 0.75 18.27
CA ARG A 194 8.21 -0.56 18.91
C ARG A 194 6.89 -1.16 18.49
N LEU A 195 6.74 -1.38 17.18
CA LEU A 195 5.54 -1.98 16.61
C LEU A 195 5.48 -3.44 16.99
N SER A 196 4.33 -3.88 17.48
CA SER A 196 4.09 -5.28 17.80
C SER A 196 3.26 -5.87 16.67
N PRO A 197 3.78 -6.80 15.86
CA PRO A 197 2.94 -7.40 14.80
C PRO A 197 1.66 -8.05 15.35
N LYS A 198 1.74 -8.68 16.53
CA LYS A 198 0.55 -9.28 17.15
C LYS A 198 -0.55 -8.24 17.40
N LYS A 199 -0.20 -7.08 17.95
CA LYS A 199 -1.21 -6.04 18.22
C LYS A 199 -1.80 -5.47 16.93
N ILE A 200 -0.98 -5.23 15.89
CA ILE A 200 -1.52 -4.69 14.65
C ILE A 200 -2.42 -5.74 13.96
N ILE A 201 -2.03 -7.00 14.00
CA ILE A 201 -2.84 -8.10 13.44
C ILE A 201 -4.16 -8.20 14.22
N GLU A 202 -4.11 -8.13 15.57
CA GLU A 202 -5.30 -8.18 16.42
C GLU A 202 -6.29 -7.05 16.11
N LYS A 203 -5.81 -5.83 15.90
CA LYS A 203 -6.68 -4.70 15.53
C LYS A 203 -7.47 -5.02 14.24
N TRP A 204 -6.79 -5.50 13.19
CA TRP A 204 -7.45 -5.79 11.92
C TRP A 204 -8.27 -7.09 11.94
N VAL A 205 -7.97 -8.02 12.85
CA VAL A 205 -8.76 -9.25 12.99
C VAL A 205 -10.15 -8.84 13.51
N ASP A 206 -10.19 -7.97 14.53
CA ASP A 206 -11.45 -7.47 15.08
C ASP A 206 -12.28 -6.73 14.06
N PHE A 207 -11.62 -5.96 13.19
CA PHE A 207 -12.27 -5.23 12.10
C PHE A 207 -12.86 -6.21 11.06
N ALA A 208 -12.08 -7.22 10.68
CA ALA A 208 -12.50 -8.20 9.68
C ALA A 208 -13.61 -9.14 10.18
N ARG A 209 -13.51 -9.64 11.43
CA ARG A 209 -14.49 -10.53 12.02
C ARG A 209 -15.86 -9.87 12.11
N ARG A 210 -15.92 -8.55 12.34
CA ARG A 210 -17.18 -7.83 12.42
C ARG A 210 -17.87 -7.77 11.04
N LEU A 211 -17.11 -7.50 9.97
CA LEU A 211 -17.69 -7.42 8.62
C LEU A 211 -18.23 -8.79 8.16
N CYS A 212 -17.46 -9.82 8.47
CA CYS A 212 -17.75 -11.18 8.17
C CYS A 212 -18.97 -11.65 8.96
N GLU A 213 -19.05 -11.29 10.25
CA GLU A 213 -20.20 -11.63 11.07
C GLU A 213 -21.46 -10.96 10.58
N HIS A 214 -21.38 -9.72 10.08
CA HIS A 214 -22.55 -9.04 9.55
C HIS A 214 -23.02 -9.68 8.22
N LYS A 215 -22.09 -10.25 7.43
CA LYS A 215 -22.45 -10.91 6.17
C LYS A 215 -22.95 -12.39 6.36
N TYR A 216 -22.26 -13.21 7.17
CA TYR A 216 -22.63 -14.62 7.31
C TYR A 216 -23.27 -15.03 8.63
N GLY A 217 -23.36 -14.12 9.59
CA GLY A 217 -23.89 -14.46 10.91
C GLY A 217 -22.87 -15.03 11.88
N ASN A 218 -21.66 -15.32 11.40
CA ASN A 218 -20.53 -15.89 12.14
C ASN A 218 -19.21 -15.58 11.35
N ALA A 219 -18.07 -15.68 12.03
CA ALA A 219 -16.73 -15.46 11.46
C ALA A 219 -15.76 -16.48 12.04
N PRO A 220 -14.73 -16.91 11.28
CA PRO A 220 -13.76 -17.85 11.88
C PRO A 220 -12.97 -17.18 13.00
N ARG A 221 -12.60 -17.95 14.02
CA ARG A 221 -11.76 -17.43 15.09
C ARG A 221 -10.34 -17.35 14.51
N VAL A 222 -9.59 -16.30 14.89
CA VAL A 222 -8.22 -16.17 14.45
C VAL A 222 -7.25 -16.45 15.60
N ARG A 223 -6.39 -17.45 15.42
CA ARG A 223 -5.37 -17.76 16.42
C ARG A 223 -4.05 -17.19 15.94
N ILE A 224 -3.28 -16.57 16.84
CA ILE A 224 -1.97 -16.00 16.50
C ILE A 224 -0.89 -16.76 17.29
N ASN A 225 0.15 -17.23 16.60
CA ASN A 225 1.23 -17.94 17.26
C ASN A 225 2.61 -17.50 16.69
N GLY A 226 3.68 -18.15 17.15
CA GLY A 226 5.02 -17.82 16.75
C GLY A 226 5.60 -16.79 17.70
N HIS A 227 6.34 -15.81 17.15
CA HIS A 227 6.99 -14.76 17.92
C HIS A 227 6.01 -13.67 18.31
N VAL A 228 5.08 -14.00 19.20
CA VAL A 228 4.02 -13.11 19.65
C VAL A 228 4.54 -11.93 20.45
N ALA A 229 5.74 -12.03 21.03
CA ALA A 229 6.31 -10.92 21.81
C ALA A 229 7.21 -9.99 20.98
N ALA A 230 7.34 -10.20 19.66
CA ALA A 230 8.19 -9.35 18.83
C ALA A 230 7.75 -7.87 18.84
N ARG A 231 8.73 -6.97 18.99
CA ARG A 231 8.54 -5.53 18.95
C ARG A 231 9.77 -4.93 18.29
N PHE A 232 9.59 -4.13 17.25
CA PHE A 232 10.70 -3.53 16.51
C PHE A 232 10.24 -2.27 15.71
N PRO A 233 11.18 -1.41 15.27
CA PRO A 233 10.79 -0.26 14.45
C PRO A 233 10.11 -0.69 13.16
N PHE A 234 9.00 -0.03 12.82
CA PHE A 234 8.24 -0.38 11.62
C PHE A 234 7.22 0.70 11.28
N ILE A 235 6.94 0.86 9.99
CA ILE A 235 5.94 1.81 9.51
C ILE A 235 4.66 1.01 9.38
N PRO A 236 3.63 1.24 10.24
CA PRO A 236 2.41 0.43 10.12
C PRO A 236 1.55 0.73 8.89
N MET A 237 1.61 1.96 8.34
CA MET A 237 0.80 2.40 7.20
C MET A 237 0.53 1.33 6.11
N PRO A 238 1.55 0.66 5.49
CA PRO A 238 1.25 -0.37 4.48
C PRO A 238 0.60 -1.66 5.04
N LEU A 239 0.92 -2.00 6.30
CA LEU A 239 0.29 -3.14 6.99
C LEU A 239 -1.20 -2.84 7.21
N ASP A 240 -1.57 -1.56 7.39
CA ASP A 240 -2.96 -1.13 7.55
C ASP A 240 -3.78 -1.34 6.26
N TYR A 241 -3.12 -1.57 5.12
CA TYR A 241 -3.80 -1.89 3.88
C TYR A 241 -3.77 -3.43 3.70
N ILE A 242 -2.59 -4.03 3.81
CA ILE A 242 -2.38 -5.44 3.55
C ILE A 242 -3.13 -6.35 4.49
N LEU A 243 -3.05 -6.08 5.81
CA LEU A 243 -3.67 -6.98 6.77
C LEU A 243 -5.21 -7.11 6.61
N PRO A 244 -6.02 -6.03 6.48
CA PRO A 244 -7.46 -6.24 6.26
C PRO A 244 -7.76 -6.98 4.96
N GLU A 245 -7.00 -6.72 3.88
CA GLU A 245 -7.24 -7.43 2.61
C GLU A 245 -7.02 -8.94 2.76
N LEU A 246 -5.88 -9.35 3.34
CA LEU A 246 -5.58 -10.77 3.52
C LEU A 246 -6.50 -11.46 4.50
N LEU A 247 -6.93 -10.77 5.56
CA LEU A 247 -7.87 -11.31 6.54
C LEU A 247 -9.23 -11.49 5.92
N LYS A 248 -9.69 -10.52 5.11
CA LYS A 248 -10.96 -10.62 4.42
C LYS A 248 -10.94 -11.83 3.45
N ASN A 249 -9.85 -12.04 2.72
CA ASN A 249 -9.74 -13.18 1.81
C ASN A 249 -9.83 -14.51 2.55
N ALA A 250 -9.10 -14.62 3.67
CA ALA A 250 -9.06 -15.81 4.51
C ALA A 250 -10.41 -16.13 5.12
N MET A 251 -11.11 -15.11 5.60
CA MET A 251 -12.40 -15.30 6.25
C MET A 251 -13.52 -15.55 5.28
N ARG A 252 -13.53 -14.85 4.13
CA ARG A 252 -14.55 -15.08 3.12
C ARG A 252 -14.42 -16.50 2.57
N ALA A 253 -13.18 -16.95 2.25
CA ALA A 253 -12.90 -18.29 1.75
C ALA A 253 -13.35 -19.36 2.74
N THR A 254 -13.07 -19.13 4.03
CA THR A 254 -13.50 -20.07 5.07
C THR A 254 -15.01 -20.18 5.13
N MET A 255 -15.73 -19.03 5.06
CA MET A 255 -17.19 -19.09 5.15
C MET A 255 -17.80 -19.68 3.91
N GLU A 256 -17.33 -19.30 2.72
CA GLU A 256 -17.86 -19.82 1.45
C GLU A 256 -17.68 -21.33 1.28
N SER A 257 -16.65 -21.90 1.90
CA SER A 257 -16.40 -23.34 1.82
C SER A 257 -17.07 -24.16 2.93
N HIS A 258 -17.73 -23.50 3.89
CA HIS A 258 -18.40 -24.16 4.99
C HIS A 258 -19.83 -23.63 5.16
N LEU A 259 -20.51 -23.26 4.05
CA LEU A 259 -21.90 -22.77 4.10
C LEU A 259 -22.88 -23.78 4.66
N ASP A 260 -22.57 -25.07 4.54
CA ASP A 260 -23.43 -26.11 5.06
C ASP A 260 -23.20 -26.40 6.55
N THR A 261 -22.18 -25.79 7.17
CA THR A 261 -21.83 -25.85 8.59
C THR A 261 -21.34 -24.42 8.98
N PRO A 262 -22.17 -23.35 8.83
CA PRO A 262 -21.65 -21.99 9.00
C PRO A 262 -21.39 -21.52 10.42
N TYR A 263 -21.91 -22.20 11.42
CA TYR A 263 -21.62 -21.85 12.82
C TYR A 263 -20.52 -22.74 13.44
N ASN A 264 -19.90 -23.62 12.65
CA ASN A 264 -18.81 -24.47 13.08
C ASN A 264 -17.75 -24.45 12.01
N VAL A 265 -16.99 -23.35 11.94
CA VAL A 265 -15.96 -23.19 10.93
C VAL A 265 -14.54 -23.29 11.52
N PRO A 266 -13.59 -23.80 10.71
CA PRO A 266 -12.20 -23.91 11.21
C PRO A 266 -11.55 -22.55 11.40
N ASP A 267 -10.69 -22.46 12.38
CA ASP A 267 -9.94 -21.23 12.69
C ASP A 267 -8.99 -20.81 11.56
N VAL A 268 -8.67 -19.53 11.52
CA VAL A 268 -7.62 -19.01 10.65
C VAL A 268 -6.38 -18.94 11.60
N VAL A 269 -5.25 -19.47 11.19
CA VAL A 269 -4.07 -19.51 12.04
C VAL A 269 -2.98 -18.60 11.48
N ILE A 270 -2.57 -17.58 12.25
CA ILE A 270 -1.55 -16.62 11.84
C ILE A 270 -0.27 -16.84 12.64
N THR A 271 0.86 -17.11 11.98
CA THR A 271 2.15 -17.32 12.66
C THR A 271 3.07 -16.15 12.35
N ILE A 272 3.78 -15.67 13.37
CA ILE A 272 4.72 -14.57 13.22
C ILE A 272 6.13 -15.13 13.36
N ALA A 273 6.98 -14.86 12.38
CA ALA A 273 8.38 -15.28 12.43
C ALA A 273 9.19 -14.01 12.30
N ASN A 274 10.00 -13.71 13.29
CA ASN A 274 10.80 -12.51 13.29
C ASN A 274 12.25 -12.91 13.40
N ASN A 275 13.07 -12.42 12.48
CA ASN A 275 14.50 -12.69 12.52
C ASN A 275 15.28 -11.39 12.17
N ASP A 276 16.62 -11.43 12.22
CA ASP A 276 17.46 -10.26 11.91
C ASP A 276 17.22 -9.69 10.51
N VAL A 277 16.85 -10.54 9.53
CA VAL A 277 16.66 -10.12 8.16
C VAL A 277 15.25 -9.59 7.86
N ASP A 278 14.22 -10.40 8.12
CA ASP A 278 12.86 -10.01 7.80
C ASP A 278 11.82 -10.41 8.86
N LEU A 279 10.59 -9.95 8.68
CA LEU A 279 9.38 -10.29 9.40
C LEU A 279 8.56 -11.12 8.43
N ILE A 280 8.12 -12.31 8.85
CA ILE A 280 7.26 -13.15 8.04
C ILE A 280 5.95 -13.33 8.77
N ILE A 281 4.84 -13.11 8.09
CA ILE A 281 3.52 -13.36 8.64
C ILE A 281 2.82 -14.36 7.74
N ARG A 282 2.53 -15.57 8.26
CA ARG A 282 1.87 -16.60 7.49
C ARG A 282 0.39 -16.66 7.92
N ILE A 283 -0.53 -16.48 6.97
CA ILE A 283 -1.96 -16.54 7.24
C ILE A 283 -2.49 -17.85 6.62
N SER A 284 -2.81 -18.83 7.46
CA SER A 284 -3.28 -20.12 6.99
C SER A 284 -4.75 -20.27 7.21
N ASP A 285 -5.52 -20.51 6.16
CA ASP A 285 -6.95 -20.75 6.28
C ASP A 285 -7.32 -22.17 5.84
N ARG A 286 -8.52 -22.64 6.20
CA ARG A 286 -9.07 -23.89 5.73
C ARG A 286 -10.27 -23.54 4.84
N GLY A 287 -10.04 -22.64 3.89
CA GLY A 287 -11.06 -22.14 2.99
C GLY A 287 -11.20 -22.83 1.65
N GLY A 288 -10.76 -24.09 1.53
CA GLY A 288 -10.89 -24.82 0.27
C GLY A 288 -9.80 -24.62 -0.78
N GLY A 289 -9.02 -23.55 -0.67
CA GLY A 289 -7.93 -23.29 -1.60
C GLY A 289 -8.29 -22.51 -2.85
N ILE A 290 -7.28 -22.09 -3.60
CA ILE A 290 -7.49 -21.38 -4.86
C ILE A 290 -7.42 -22.41 -5.94
N ALA A 291 -8.52 -22.59 -6.69
CA ALA A 291 -8.62 -23.60 -7.73
C ALA A 291 -7.50 -23.48 -8.76
N HIS A 292 -7.08 -24.62 -9.33
CA HIS A 292 -6.03 -24.67 -10.36
C HIS A 292 -6.29 -23.71 -11.54
N LYS A 293 -7.55 -23.61 -12.02
CA LYS A 293 -7.96 -22.73 -13.13
C LYS A 293 -7.83 -21.23 -12.80
N ASP A 294 -8.00 -20.86 -11.52
CA ASP A 294 -7.91 -19.47 -11.07
C ASP A 294 -6.54 -19.05 -10.57
N LEU A 295 -5.68 -20.02 -10.22
CA LEU A 295 -4.38 -19.80 -9.63
C LEU A 295 -3.47 -18.80 -10.35
N ASP A 296 -3.50 -18.79 -11.68
CA ASP A 296 -2.67 -17.86 -12.46
C ASP A 296 -3.41 -16.53 -12.80
N ARG A 297 -4.61 -16.32 -12.24
CA ARG A 297 -5.46 -15.16 -12.45
C ARG A 297 -5.62 -14.34 -11.17
N VAL A 298 -5.51 -14.95 -9.97
CA VAL A 298 -5.74 -14.28 -8.68
C VAL A 298 -4.86 -13.03 -8.47
N MET A 299 -3.67 -13.03 -9.07
CA MET A 299 -2.71 -11.94 -9.00
C MET A 299 -2.89 -10.85 -10.07
N ASP A 300 -3.91 -11.00 -10.93
CA ASP A 300 -4.23 -9.98 -11.93
C ASP A 300 -5.13 -8.97 -11.26
N TYR A 301 -5.01 -7.72 -11.68
CA TYR A 301 -5.88 -6.67 -11.17
C TYR A 301 -7.25 -6.85 -11.77
N HIS A 302 -8.26 -6.72 -10.90
CA HIS A 302 -9.69 -6.84 -11.14
C HIS A 302 -10.20 -8.29 -11.19
N PHE A 303 -9.31 -9.31 -11.11
CA PHE A 303 -9.81 -10.69 -11.06
C PHE A 303 -10.43 -10.98 -9.68
N THR A 304 -11.68 -11.44 -9.65
CA THR A 304 -12.39 -11.76 -8.41
C THR A 304 -13.44 -12.84 -8.66
N THR A 305 -13.76 -13.67 -7.64
CA THR A 305 -14.82 -14.68 -7.76
C THR A 305 -16.14 -14.25 -7.08
N ALA A 306 -16.18 -13.06 -6.44
CA ALA A 306 -17.37 -12.52 -5.78
C ALA A 306 -18.24 -11.71 -6.75
N PHE A 336 -13.97 -6.07 -6.15
CA PHE A 336 -12.94 -5.14 -6.61
C PHE A 336 -11.79 -5.85 -7.36
N GLY A 337 -11.20 -6.88 -6.75
CA GLY A 337 -10.10 -7.62 -7.37
C GLY A 337 -8.74 -6.94 -7.27
N PHE A 338 -8.59 -6.02 -6.34
CA PHE A 338 -7.33 -5.29 -6.18
C PHE A 338 -6.54 -5.72 -4.95
N GLY A 339 -7.19 -6.36 -3.98
CA GLY A 339 -6.59 -6.78 -2.73
C GLY A 339 -5.27 -7.52 -2.82
N LEU A 340 -5.26 -8.65 -3.52
CA LEU A 340 -4.05 -9.43 -3.69
C LEU A 340 -2.95 -8.74 -4.54
N PRO A 341 -3.22 -8.28 -5.79
CA PRO A 341 -2.15 -7.66 -6.55
C PRO A 341 -1.59 -6.37 -5.90
N THR A 342 -2.41 -5.57 -5.20
CA THR A 342 -1.91 -4.37 -4.52
C THR A 342 -1.07 -4.75 -3.32
N SER A 343 -1.50 -5.76 -2.55
CA SER A 343 -0.76 -6.23 -1.39
C SER A 343 0.59 -6.79 -1.81
N ARG A 344 0.63 -7.54 -2.91
CA ARG A 344 1.88 -8.07 -3.43
C ARG A 344 2.83 -6.93 -3.87
N ALA A 345 2.29 -5.97 -4.61
CA ALA A 345 3.07 -4.80 -5.04
C ALA A 345 3.60 -4.00 -3.82
N TYR A 346 2.77 -3.78 -2.81
CA TYR A 346 3.19 -3.07 -1.59
C TYR A 346 4.34 -3.83 -0.89
N ALA A 347 4.22 -5.17 -0.73
CA ALA A 347 5.25 -5.97 -0.09
C ALA A 347 6.57 -5.88 -0.87
N GLU A 348 6.53 -5.96 -2.22
CA GLU A 348 7.74 -5.83 -3.05
C GLU A 348 8.38 -4.44 -2.87
N TYR A 349 7.55 -3.37 -2.87
CA TYR A 349 7.99 -1.98 -2.67
C TYR A 349 8.79 -1.85 -1.38
N LEU A 350 8.33 -2.54 -0.34
CA LEU A 350 8.96 -2.48 0.96
C LEU A 350 10.15 -3.43 1.14
N GLY A 351 10.62 -4.05 0.05
CA GLY A 351 11.77 -4.94 0.09
C GLY A 351 11.43 -6.39 0.41
N GLY A 352 10.15 -6.74 0.42
CA GLY A 352 9.71 -8.09 0.71
C GLY A 352 8.92 -8.75 -0.41
N SER A 353 7.93 -9.55 -0.04
CA SER A 353 7.14 -10.30 -0.99
C SER A 353 5.84 -10.84 -0.38
N LEU A 354 4.94 -11.28 -1.24
CA LEU A 354 3.70 -11.90 -0.85
C LEU A 354 3.62 -13.16 -1.71
N GLN A 355 3.62 -14.33 -1.06
CA GLN A 355 3.57 -15.61 -1.79
C GLN A 355 2.43 -16.47 -1.31
N LEU A 356 1.85 -17.26 -2.19
CA LEU A 356 0.69 -18.08 -1.87
C LEU A 356 0.96 -19.54 -2.13
N GLN A 357 0.44 -20.39 -1.26
CA GLN A 357 0.55 -21.84 -1.44
C GLN A 357 -0.86 -22.38 -1.29
N SER A 358 -1.42 -22.88 -2.39
CA SER A 358 -2.77 -23.40 -2.36
C SER A 358 -2.84 -24.91 -2.23
N LEU A 359 -3.62 -25.39 -1.27
CA LEU A 359 -3.86 -26.82 -1.08
C LEU A 359 -5.32 -27.05 -1.47
N GLN A 360 -5.59 -27.25 -2.77
CA GLN A 360 -6.94 -27.41 -3.32
C GLN A 360 -7.70 -28.52 -2.62
N GLY A 361 -8.88 -28.16 -2.12
CA GLY A 361 -9.71 -29.05 -1.33
C GLY A 361 -9.51 -28.88 0.18
N ILE A 362 -8.50 -28.09 0.60
CA ILE A 362 -8.21 -27.87 2.01
C ILE A 362 -8.18 -26.38 2.39
N GLY A 363 -7.28 -25.59 1.81
CA GLY A 363 -7.10 -24.20 2.18
C GLY A 363 -5.89 -23.56 1.56
N THR A 364 -5.53 -22.36 2.02
CA THR A 364 -4.43 -21.57 1.46
C THR A 364 -3.48 -21.04 2.55
N ASP A 365 -2.19 -20.99 2.25
CA ASP A 365 -1.21 -20.40 3.13
C ASP A 365 -0.68 -19.14 2.42
N VAL A 366 -0.86 -17.97 3.03
CA VAL A 366 -0.35 -16.74 2.47
C VAL A 366 0.86 -16.31 3.29
N TYR A 367 2.00 -16.04 2.65
CA TYR A 367 3.20 -15.61 3.36
C TYR A 367 3.52 -14.17 2.97
N LEU A 368 3.49 -13.29 3.94
CA LEU A 368 3.82 -11.91 3.75
C LEU A 368 5.22 -11.68 4.38
N ARG A 369 6.19 -11.30 3.57
CA ARG A 369 7.55 -11.05 4.05
C ARG A 369 7.87 -9.56 3.92
N LEU A 370 8.33 -8.94 5.00
CA LEU A 370 8.66 -7.52 5.03
C LEU A 370 10.01 -7.32 5.69
N ARG A 371 10.81 -6.43 5.15
CA ARG A 371 12.15 -6.15 5.66
C ARG A 371 12.13 -5.25 6.84
N HIS A 372 13.13 -5.39 7.71
CA HIS A 372 13.28 -4.54 8.89
C HIS A 372 13.88 -3.15 8.59
N ILE A 373 13.89 -2.25 9.60
CA ILE A 373 14.50 -0.93 9.58
C ILE A 373 15.67 -0.99 10.59
N ASP A 374 16.85 -1.36 10.12
CA ASP A 374 18.01 -1.53 11.01
C ASP A 374 19.30 -0.82 10.56
N GLY A 375 19.21 0.01 9.53
CA GLY A 375 20.38 0.67 8.97
C GLY A 375 21.13 -0.17 7.94
N ARG A 376 20.49 -1.27 7.50
CA ARG A 376 21.03 -2.20 6.50
C ARG A 376 20.10 -2.26 5.25
N GLU A 377 18.79 -1.99 5.43
CA GLU A 377 17.77 -2.01 4.39
C GLU A 377 18.04 -1.04 3.23
N GLU A 378 17.61 -1.43 2.02
CA GLU A 378 17.76 -0.55 0.86
C GLU A 378 16.49 0.31 0.72
N SER A 379 16.51 1.34 -0.13
CA SER A 379 15.35 2.21 -0.28
C SER A 379 14.14 1.50 -0.92
N PHE A 380 12.95 2.04 -0.67
CA PHE A 380 11.72 1.48 -1.21
C PHE A 380 11.58 1.76 -2.71
N ARG A 381 11.33 0.72 -3.50
CA ARG A 381 11.12 0.82 -4.94
C ARG A 381 10.65 -0.50 -5.54
N ILE A 382 9.95 -0.45 -6.69
CA ILE A 382 9.45 -1.68 -7.31
C ILE A 382 10.15 -1.97 -8.64
#